data_2Z0N
#
_entry.id   2Z0N
#
_cell.length_a   54.121
_cell.length_b   128.329
_cell.length_c   36.964
_cell.angle_alpha   90.00
_cell.angle_beta   90.00
_cell.angle_gamma   90.00
#
_symmetry.space_group_name_H-M   'P 21 21 2'
#
loop_
_entity.id
_entity.type
_entity.pdbx_description
1 polymer 'DCC-interacting protein 13-alpha'
2 water water
#
_entity_poly.entity_id   1
_entity_poly.type   'polypeptide(L)'
_entity_poly.pdbx_seq_one_letter_code
;GPLGS(MSE)PGIDKLPIEETLEDSPQTRSLLGVFEEDATAISNY(MSE)NQLYQA(MSE)HRIYDAQNELSAATHLTSK
LLKEYEKQRFPLGGDDEV(MSE)SSTLQQFSKVIDELSSCHAVLSTQLADA(MSE)(MSE)FPITQFKERDLKEILTLKE
VFQIASNDHDAAINRYSRLSKKRENDKVKYEVTEDVYTSRKKQHQT(MSE)(MSE)HYFCALNTLQYKKKIALLEPLLGY
(MSE)QAQISFFK(MSE)GSENLNEQLEEFLANIGTSVQNVRRE(MSE)DSDIET(MSE)QQTIEDLEVASDPLYVPDPD
PTKFPVNR
;
_entity_poly.pdbx_strand_id   A
#
# COMPACT_ATOMS: atom_id res chain seq x y z
N LEU A 18 32.71 9.35 16.12
CA LEU A 18 32.37 7.90 16.43
C LEU A 18 33.72 7.22 16.13
N GLU A 19 34.64 7.42 17.07
CA GLU A 19 36.05 7.01 17.01
C GLU A 19 36.33 5.54 17.08
N ASP A 20 35.48 4.82 17.85
CA ASP A 20 35.77 3.41 18.02
C ASP A 20 34.62 2.42 18.07
N SER A 21 35.01 1.16 18.08
CA SER A 21 34.06 0.04 18.05
C SER A 21 33.01 0.03 19.22
N PRO A 22 33.44 0.20 20.47
CA PRO A 22 32.46 0.20 21.56
C PRO A 22 31.35 1.19 21.32
N GLN A 23 31.68 2.43 21.04
CA GLN A 23 30.70 3.48 20.77
C GLN A 23 29.83 3.20 19.62
N THR A 24 30.44 2.75 18.53
CA THR A 24 29.65 2.45 17.32
C THR A 24 28.66 1.32 17.53
N ARG A 25 29.11 0.25 18.16
CA ARG A 25 28.27 -0.88 18.48
C ARG A 25 27.12 -0.37 19.37
N SER A 26 27.45 0.52 20.30
CA SER A 26 26.37 1.00 21.19
C SER A 26 25.31 1.75 20.37
N LEU A 27 25.77 2.66 19.53
CA LEU A 27 24.86 3.43 18.71
C LEU A 27 24.16 2.53 17.75
N LEU A 28 24.83 1.51 17.26
CA LEU A 28 24.14 0.52 16.37
C LEU A 28 22.89 -0.08 17.00
N GLY A 29 22.95 -0.42 18.31
CA GLY A 29 21.83 -0.98 19.03
C GLY A 29 20.60 -0.08 19.04
N VAL A 30 20.82 1.23 19.22
CA VAL A 30 19.76 2.22 19.23
C VAL A 30 19.12 2.31 17.80
N PHE A 31 19.99 2.39 16.77
CA PHE A 31 19.50 2.42 15.37
C PHE A 31 18.69 1.17 15.03
N GLU A 32 19.14 0.03 15.55
CA GLU A 32 18.46 -1.24 15.33
C GLU A 32 17.10 -1.30 16.02
N GLU A 33 17.03 -0.81 17.27
CA GLU A 33 15.75 -0.78 17.98
C GLU A 33 14.83 0.19 17.26
N ASP A 34 15.37 1.31 16.81
CA ASP A 34 14.52 2.27 16.11
C ASP A 34 14.02 1.69 14.72
N ALA A 35 14.90 0.97 14.04
CA ALA A 35 14.52 0.30 12.79
C ALA A 35 13.38 -0.71 13.07
N THR A 36 13.39 -1.33 14.26
CA THR A 36 12.33 -2.29 14.57
C THR A 36 10.99 -1.54 14.74
N ALA A 37 11.04 -0.40 15.40
CA ALA A 37 9.81 0.39 15.60
C ALA A 37 9.33 0.93 14.23
N ILE A 38 10.29 1.34 13.38
CA ILE A 38 9.99 1.87 12.08
C ILE A 38 9.28 0.78 11.26
N SER A 39 9.78 -0.45 11.29
CA SER A 39 9.18 -1.58 10.55
C SER A 39 7.76 -1.87 11.00
N ASN A 40 7.54 -1.83 12.31
CA ASN A 40 6.22 -2.10 12.85
C ASN A 40 5.24 -0.99 12.42
N TYR A 41 5.65 0.28 12.49
CA TYR A 41 4.74 1.33 12.09
C TYR A 41 4.48 1.33 10.55
N MSE A 42 5.54 1.22 9.75
CA MSE A 42 5.39 1.25 8.30
C MSE A 42 4.64 0.07 7.76
O MSE A 42 3.92 0.20 6.74
CB MSE A 42 6.78 1.42 7.72
CG MSE A 42 7.32 2.79 8.28
SE MSE A 42 6.38 4.35 7.62
CE MSE A 42 7.10 4.47 5.85
N ASN A 43 4.76 -1.08 8.43
CA ASN A 43 3.97 -2.23 8.02
C ASN A 43 2.49 -1.96 8.30
N GLN A 44 2.21 -1.35 9.42
CA GLN A 44 0.81 -1.00 9.66
C GLN A 44 0.32 0.00 8.63
N LEU A 45 1.15 0.97 8.28
CA LEU A 45 0.75 1.99 7.27
C LEU A 45 0.57 1.31 5.92
N TYR A 46 1.54 0.45 5.51
CA TYR A 46 1.44 -0.35 4.27
C TYR A 46 0.12 -1.05 4.20
N GLN A 47 -0.29 -1.73 5.30
CA GLN A 47 -1.57 -2.45 5.33
C GLN A 47 -2.80 -1.53 5.18
N ALA A 48 -2.81 -0.40 5.88
CA ALA A 48 -3.94 0.53 5.74
C ALA A 48 -4.06 1.09 4.31
N MSE A 49 -2.94 1.52 3.77
CA MSE A 49 -2.93 2.07 2.41
C MSE A 49 -3.35 0.99 1.40
O MSE A 49 -4.06 1.27 0.43
CB MSE A 49 -1.53 2.60 2.07
CG MSE A 49 -1.26 3.90 2.74
SE MSE A 49 0.52 4.61 2.35
CE MSE A 49 -0.13 6.32 2.61
N HIS A 50 -2.79 -0.22 1.58
CA HIS A 50 -3.20 -1.31 0.71
C HIS A 50 -4.73 -1.54 0.76
N ARG A 51 -5.40 -1.37 1.91
CA ARG A 51 -6.86 -1.52 1.96
C ARG A 51 -7.55 -0.38 1.18
N ILE A 52 -6.97 0.81 1.23
CA ILE A 52 -7.52 1.95 0.47
C ILE A 52 -7.39 1.57 -1.04
N TYR A 53 -6.21 1.11 -1.40
CA TYR A 53 -5.92 0.78 -2.85
C TYR A 53 -6.91 -0.25 -3.40
N ASP A 54 -7.03 -1.39 -2.68
CA ASP A 54 -7.97 -2.47 -3.05
C ASP A 54 -9.39 -1.98 -3.13
N ALA A 55 -9.87 -1.17 -2.17
CA ALA A 55 -11.22 -0.66 -2.17
C ALA A 55 -11.48 0.28 -3.34
N GLN A 56 -10.53 1.19 -3.61
CA GLN A 56 -10.73 2.11 -4.72
C GLN A 56 -10.71 1.30 -6.05
N ASN A 57 -9.83 0.29 -6.17
CA ASN A 57 -9.82 -0.56 -7.39
C ASN A 57 -11.23 -1.28 -7.60
N GLU A 58 -11.75 -1.87 -6.54
CA GLU A 58 -13.02 -2.55 -6.59
C GLU A 58 -14.15 -1.57 -6.86
N LEU A 59 -14.04 -0.40 -6.26
CA LEU A 59 -15.09 0.63 -6.48
C LEU A 59 -15.06 1.05 -7.95
N SER A 60 -13.88 1.27 -8.55
CA SER A 60 -13.87 1.59 -10.00
C SER A 60 -14.49 0.51 -10.80
N ALA A 61 -14.14 -0.75 -10.55
CA ALA A 61 -14.70 -1.86 -11.37
C ALA A 61 -16.21 -1.95 -11.20
N ALA A 62 -16.73 -1.83 -9.98
CA ALA A 62 -18.19 -1.92 -9.76
C ALA A 62 -18.95 -0.77 -10.36
N THR A 63 -18.36 0.42 -10.36
CA THR A 63 -18.99 1.58 -10.95
C THR A 63 -19.03 1.41 -12.50
N HIS A 64 -17.95 0.92 -13.08
CA HIS A 64 -17.91 0.72 -14.53
C HIS A 64 -18.91 -0.42 -14.88
N LEU A 65 -18.96 -1.50 -14.10
CA LEU A 65 -19.92 -2.57 -14.36
C LEU A 65 -21.39 -2.07 -14.33
N THR A 66 -21.69 -1.20 -13.37
CA THR A 66 -23.05 -0.64 -13.27
C THR A 66 -23.34 0.19 -14.55
N SER A 67 -22.43 1.08 -14.97
CA SER A 67 -22.68 1.82 -16.22
C SER A 67 -22.84 0.82 -17.37
N LYS A 68 -22.00 -0.19 -17.47
CA LYS A 68 -22.11 -1.21 -18.55
C LYS A 68 -23.55 -1.87 -18.53
N LEU A 69 -24.05 -2.22 -17.37
CA LEU A 69 -25.37 -2.85 -17.29
C LEU A 69 -26.50 -1.97 -17.72
N LEU A 70 -26.38 -0.67 -17.46
CA LEU A 70 -27.43 0.25 -17.81
C LEU A 70 -27.49 0.31 -19.35
N LYS A 71 -26.36 0.27 -20.00
CA LYS A 71 -26.33 0.29 -21.47
C LYS A 71 -26.95 -0.94 -22.04
N GLU A 72 -26.74 -2.06 -21.38
CA GLU A 72 -27.33 -3.29 -21.83
C GLU A 72 -28.86 -3.40 -21.67
N TYR A 73 -29.50 -2.42 -21.06
CA TYR A 73 -30.94 -2.48 -20.86
C TYR A 73 -31.70 -2.71 -22.18
N GLU A 74 -31.31 -1.96 -23.20
CA GLU A 74 -31.93 -2.01 -24.51
C GLU A 74 -31.87 -3.40 -25.10
N LYS A 75 -30.85 -4.16 -24.77
CA LYS A 75 -30.77 -5.52 -25.28
C LYS A 75 -31.77 -6.41 -24.55
N GLN A 76 -32.92 -5.84 -24.16
CA GLN A 76 -33.98 -6.55 -23.46
C GLN A 76 -34.02 -8.05 -23.68
N GLU A 85 -38.86 2.70 -24.88
CA GLU A 85 -37.68 3.31 -25.48
C GLU A 85 -37.32 4.64 -24.81
N VAL A 86 -38.28 5.25 -24.12
CA VAL A 86 -37.96 6.52 -23.47
C VAL A 86 -37.13 6.23 -22.19
N MSE A 87 -37.43 5.10 -21.56
CA MSE A 87 -36.73 4.66 -20.38
C MSE A 87 -35.31 4.39 -20.89
O MSE A 87 -34.35 4.85 -20.31
CB MSE A 87 -37.39 3.38 -19.88
CG MSE A 87 -36.61 2.61 -18.84
SE MSE A 87 -36.33 3.74 -17.24
CE MSE A 87 -38.17 4.07 -16.81
N SER A 88 -35.23 3.64 -22.00
CA SER A 88 -33.98 3.25 -22.66
C SER A 88 -33.03 4.41 -22.74
N SER A 89 -33.56 5.51 -23.24
CA SER A 89 -32.82 6.74 -23.39
C SER A 89 -32.43 7.41 -22.05
N THR A 90 -33.30 7.33 -21.05
CA THR A 90 -33.03 7.91 -19.74
C THR A 90 -31.91 7.12 -19.14
N LEU A 91 -31.96 5.79 -19.29
CA LEU A 91 -30.90 4.91 -18.77
C LEU A 91 -29.58 5.19 -19.50
N GLN A 92 -29.64 5.55 -20.77
CA GLN A 92 -28.41 5.89 -21.49
C GLN A 92 -27.73 7.13 -20.97
N GLN A 93 -28.52 8.11 -20.56
CA GLN A 93 -27.96 9.33 -20.03
C GLN A 93 -27.29 9.08 -18.68
N PHE A 94 -27.96 8.25 -17.83
CA PHE A 94 -27.41 7.87 -16.53
C PHE A 94 -26.11 7.11 -16.77
N SER A 95 -26.14 6.25 -17.78
CA SER A 95 -25.00 5.44 -18.05
C SER A 95 -23.83 6.27 -18.50
N LYS A 96 -24.12 7.35 -19.22
CA LYS A 96 -23.04 8.23 -19.69
C LYS A 96 -22.42 8.97 -18.45
N VAL A 97 -23.27 9.55 -17.59
CA VAL A 97 -22.76 10.26 -16.40
C VAL A 97 -21.97 9.29 -15.51
N ILE A 98 -22.52 8.12 -15.29
CA ILE A 98 -21.83 7.10 -14.49
C ILE A 98 -20.52 6.62 -15.12
N ASP A 99 -20.48 6.62 -16.44
CA ASP A 99 -19.24 6.16 -17.04
C ASP A 99 -18.17 7.26 -16.86
N GLU A 100 -18.55 8.54 -16.91
CA GLU A 100 -17.64 9.61 -16.64
C GLU A 100 -17.10 9.52 -15.23
N LEU A 101 -17.97 9.22 -14.27
CA LEU A 101 -17.49 9.09 -12.89
C LEU A 101 -16.60 7.83 -12.80
N SER A 102 -16.96 6.73 -13.49
CA SER A 102 -16.11 5.55 -13.42
C SER A 102 -14.70 5.87 -13.96
N SER A 103 -14.60 6.79 -14.93
CA SER A 103 -13.25 7.18 -15.50
C SER A 103 -12.48 7.88 -14.43
N CYS A 104 -13.13 8.81 -13.70
CA CYS A 104 -12.45 9.46 -12.57
C CYS A 104 -11.89 8.42 -11.60
N HIS A 105 -12.74 7.46 -11.19
CA HIS A 105 -12.38 6.40 -10.26
C HIS A 105 -11.24 5.54 -10.84
N ALA A 106 -11.27 5.29 -12.14
CA ALA A 106 -10.21 4.45 -12.71
C ALA A 106 -8.86 5.21 -12.75
N VAL A 107 -8.90 6.51 -13.08
CA VAL A 107 -7.62 7.25 -13.12
C VAL A 107 -7.09 7.34 -11.65
N LEU A 108 -8.00 7.63 -10.74
CA LEU A 108 -7.56 7.69 -9.33
C LEU A 108 -6.94 6.33 -8.96
N SER A 109 -7.59 5.23 -9.24
CA SER A 109 -6.96 3.91 -8.95
C SER A 109 -5.53 3.72 -9.46
N THR A 110 -5.32 4.05 -10.74
CA THR A 110 -3.98 3.85 -11.30
C THR A 110 -2.97 4.82 -10.64
N GLN A 111 -3.38 6.06 -10.33
CA GLN A 111 -2.49 7.00 -9.64
C GLN A 111 -2.25 6.52 -8.21
N LEU A 112 -3.25 5.96 -7.53
CA LEU A 112 -2.99 5.43 -6.17
C LEU A 112 -1.99 4.29 -6.22
N ALA A 113 -2.12 3.39 -7.19
CA ALA A 113 -1.13 2.32 -7.36
C ALA A 113 0.28 2.85 -7.60
N ASP A 114 0.38 3.87 -8.44
CA ASP A 114 1.67 4.36 -8.82
C ASP A 114 2.36 5.35 -7.88
N ALA A 115 1.58 6.25 -7.34
CA ALA A 115 2.11 7.27 -6.49
C ALA A 115 1.96 7.01 -5.00
N MSE A 116 1.09 6.07 -4.61
CA MSE A 116 0.98 5.78 -3.17
C MSE A 116 1.47 4.38 -2.89
O MSE A 116 2.34 4.24 -2.04
CB MSE A 116 -0.51 5.96 -2.67
CG MSE A 116 -0.72 5.64 -1.20
SE MSE A 116 -2.60 5.42 -0.73
CE MSE A 116 -3.09 3.70 -1.32
N MSE A 117 0.95 3.35 -3.57
CA MSE A 117 1.36 1.97 -3.25
C MSE A 117 2.78 1.62 -3.56
O MSE A 117 3.47 0.94 -2.78
CB MSE A 117 0.49 0.94 -3.95
CG MSE A 117 -0.78 0.79 -3.41
SE MSE A 117 -0.91 0.48 -1.39
CE MSE A 117 0.27 -0.87 -0.83
N PHE A 118 3.23 2.09 -4.71
CA PHE A 118 4.63 1.78 -5.08
C PHE A 118 5.67 2.23 -3.99
N PRO A 119 5.70 3.53 -3.61
CA PRO A 119 6.69 3.95 -2.60
C PRO A 119 6.65 3.19 -1.26
N ILE A 120 5.46 2.99 -0.70
CA ILE A 120 5.37 2.28 0.61
C ILE A 120 5.67 0.80 0.41
N THR A 121 5.35 0.25 -0.76
CA THR A 121 5.67 -1.16 -1.03
C THR A 121 7.17 -1.34 -1.15
N GLN A 122 7.83 -0.46 -1.89
CA GLN A 122 9.26 -0.58 -2.10
C GLN A 122 9.96 -0.41 -0.72
N PHE A 123 9.53 0.55 0.07
CA PHE A 123 10.15 0.68 1.42
C PHE A 123 10.07 -0.65 2.22
N LYS A 124 8.91 -1.28 2.20
CA LYS A 124 8.75 -2.56 2.88
C LYS A 124 9.46 -3.73 2.20
N GLU A 125 9.35 -3.87 0.86
CA GLU A 125 9.96 -5.04 0.17
C GLU A 125 11.46 -4.92 -0.11
N ARG A 126 11.94 -3.71 -0.24
CA ARG A 126 13.36 -3.52 -0.51
C ARG A 126 14.07 -3.08 0.77
N ASP A 127 13.68 -1.93 1.34
CA ASP A 127 14.46 -1.43 2.49
C ASP A 127 14.39 -2.17 3.75
N LEU A 128 13.19 -2.45 4.21
CA LEU A 128 13.04 -3.21 5.46
C LEU A 128 13.65 -4.62 5.27
N LYS A 129 13.53 -5.22 4.09
CA LYS A 129 14.11 -6.54 3.90
C LYS A 129 15.61 -6.43 3.94
N GLU A 130 16.17 -5.43 3.29
CA GLU A 130 17.64 -5.23 3.33
C GLU A 130 18.19 -5.14 4.75
N ILE A 131 17.49 -4.42 5.61
CA ILE A 131 17.90 -4.27 7.00
C ILE A 131 17.96 -5.68 7.66
N LEU A 132 16.90 -6.50 7.52
CA LEU A 132 16.92 -7.85 8.10
C LEU A 132 18.03 -8.70 7.54
N THR A 133 18.27 -8.63 6.23
CA THR A 133 19.34 -9.40 5.64
C THR A 133 20.77 -9.04 6.21
N LEU A 134 21.08 -7.77 6.23
CA LEU A 134 22.36 -7.30 6.71
C LEU A 134 22.48 -7.58 8.19
N LYS A 135 21.34 -7.53 8.91
CA LYS A 135 21.39 -7.85 10.33
C LYS A 135 21.81 -9.28 10.49
N GLU A 136 21.34 -10.16 9.59
CA GLU A 136 21.72 -11.58 9.73
C GLU A 136 23.13 -11.88 9.33
N VAL A 137 23.60 -11.19 8.26
CA VAL A 137 24.99 -11.35 7.82
C VAL A 137 25.92 -10.99 9.03
N PHE A 138 25.53 -9.93 9.74
CA PHE A 138 26.33 -9.45 10.93
C PHE A 138 26.25 -10.52 12.03
N GLN A 139 25.05 -11.05 12.31
CA GLN A 139 24.85 -12.10 13.29
C GLN A 139 25.78 -13.31 13.04
N ILE A 140 25.88 -13.77 11.78
CA ILE A 140 26.74 -14.90 11.47
C ILE A 140 28.23 -14.55 11.62
N ALA A 141 28.64 -13.38 11.17
CA ALA A 141 30.05 -12.96 11.24
C ALA A 141 30.40 -12.87 12.74
N SER A 142 29.43 -12.44 13.53
CA SER A 142 29.60 -12.37 14.98
C SER A 142 29.71 -13.75 15.60
N ASN A 143 28.88 -14.70 15.14
CA ASN A 143 28.97 -16.07 15.68
C ASN A 143 30.35 -16.66 15.32
N ASP A 144 30.78 -16.40 14.09
CA ASP A 144 32.05 -16.90 13.66
C ASP A 144 33.20 -16.34 14.55
N HIS A 145 33.12 -15.07 14.91
CA HIS A 145 34.20 -14.49 15.76
C HIS A 145 34.14 -15.11 17.15
N ASP A 146 32.93 -15.25 17.70
CA ASP A 146 32.80 -15.92 19.05
C ASP A 146 33.50 -17.32 18.96
N ALA A 147 33.23 -18.10 17.89
CA ALA A 147 33.88 -19.41 17.74
C ALA A 147 35.42 -19.28 17.77
N ALA A 148 36.00 -18.30 17.04
CA ALA A 148 37.44 -18.13 17.03
C ALA A 148 37.98 -17.76 18.42
N ILE A 149 37.27 -16.87 19.10
CA ILE A 149 37.64 -16.50 20.49
C ILE A 149 37.58 -17.72 21.40
N ASN A 150 36.55 -18.57 21.24
CA ASN A 150 36.44 -19.78 22.05
C ASN A 150 37.53 -20.80 21.73
N ARG A 151 37.86 -20.89 20.46
CA ARG A 151 38.91 -21.78 20.07
C ARG A 151 40.26 -21.23 20.60
N TYR A 152 40.42 -19.91 20.67
CA TYR A 152 41.67 -19.29 21.19
C TYR A 152 41.77 -19.67 22.69
N SER A 153 40.67 -19.53 23.42
CA SER A 153 40.63 -19.93 24.81
C SER A 153 41.07 -21.43 24.97
N ARG A 154 40.51 -22.33 24.14
CA ARG A 154 40.79 -23.80 24.14
C ARG A 154 42.29 -24.09 23.95
N LEU A 155 42.85 -23.51 22.89
CA LEU A 155 44.24 -23.74 22.62
C LEU A 155 45.21 -23.04 23.56
N SER A 156 44.72 -22.06 24.35
CA SER A 156 45.58 -21.34 25.31
C SER A 156 45.95 -22.20 26.49
N LYS A 157 45.03 -23.10 26.84
CA LYS A 157 45.15 -24.06 27.97
C LYS A 157 46.09 -25.27 27.77
N LYS A 158 46.79 -25.32 26.64
CA LYS A 158 47.69 -26.43 26.37
C LYS A 158 48.97 -26.13 25.61
N ARG A 159 49.97 -26.93 25.92
CA ARG A 159 51.26 -26.90 25.28
C ARG A 159 50.99 -27.43 23.87
N GLU A 160 51.22 -26.63 22.83
CA GLU A 160 50.98 -27.12 21.48
C GLU A 160 51.76 -26.38 20.41
N ASN A 161 51.56 -26.79 19.17
CA ASN A 161 52.27 -26.26 18.03
C ASN A 161 52.42 -24.75 17.86
N ASP A 162 53.58 -24.37 17.32
CA ASP A 162 53.90 -22.99 17.02
C ASP A 162 52.91 -22.62 15.91
N LYS A 163 52.65 -23.60 15.04
CA LYS A 163 51.74 -23.40 13.92
C LYS A 163 50.27 -23.18 14.26
N VAL A 164 49.69 -24.06 15.09
CA VAL A 164 48.27 -23.91 15.46
C VAL A 164 48.11 -22.62 16.25
N LYS A 165 49.14 -22.24 17.00
CA LYS A 165 49.10 -21.03 17.78
C LYS A 165 48.97 -19.82 16.83
N TYR A 166 49.80 -19.79 15.80
CA TYR A 166 49.79 -18.72 14.84
C TYR A 166 48.44 -18.66 14.13
N GLU A 167 47.89 -19.83 13.80
CA GLU A 167 46.58 -19.99 13.11
C GLU A 167 45.36 -19.53 13.93
N VAL A 168 45.25 -20.07 15.14
CA VAL A 168 44.19 -19.67 16.04
C VAL A 168 44.27 -18.15 16.24
N THR A 169 45.46 -17.54 16.39
CA THR A 169 45.57 -16.05 16.53
C THR A 169 45.08 -15.35 15.23
N GLU A 170 45.55 -15.87 14.11
CA GLU A 170 45.17 -15.25 12.87
C GLU A 170 43.68 -15.31 12.63
N ASP A 171 43.05 -16.42 13.00
CA ASP A 171 41.60 -16.59 12.89
C ASP A 171 40.84 -15.54 13.74
N VAL A 172 41.40 -15.17 14.89
CA VAL A 172 40.75 -14.14 15.71
C VAL A 172 40.73 -12.82 14.94
N TYR A 173 41.89 -12.48 14.34
CA TYR A 173 42.03 -11.23 13.61
C TYR A 173 41.08 -11.21 12.41
N THR A 174 41.17 -12.26 11.58
CA THR A 174 40.32 -12.27 10.36
C THR A 174 38.83 -12.36 10.67
N SER A 175 38.45 -13.13 11.70
CA SER A 175 37.04 -13.22 12.03
C SER A 175 36.59 -11.86 12.64
N ARG A 176 37.47 -11.18 13.35
CA ARG A 176 37.02 -9.89 13.91
C ARG A 176 36.87 -8.83 12.80
N LYS A 177 37.82 -8.85 11.86
CA LYS A 177 37.74 -7.87 10.76
C LYS A 177 36.44 -8.05 10.00
N LYS A 178 36.09 -9.29 9.75
CA LYS A 178 34.86 -9.71 9.03
C LYS A 178 33.65 -9.23 9.85
N GLN A 179 33.66 -9.48 11.14
CA GLN A 179 32.59 -9.02 12.02
C GLN A 179 32.45 -7.49 11.94
N HIS A 180 33.56 -6.79 12.01
CA HIS A 180 33.51 -5.33 11.95
C HIS A 180 32.97 -4.78 10.63
N GLN A 181 33.35 -5.43 9.53
CA GLN A 181 32.96 -4.94 8.19
C GLN A 181 31.46 -5.15 7.97
N THR A 182 30.96 -6.30 8.40
CA THR A 182 29.53 -6.58 8.28
C THR A 182 28.79 -5.68 9.24
N MSE A 183 29.40 -5.38 10.40
CA MSE A 183 28.72 -4.46 11.29
C MSE A 183 28.52 -3.08 10.64
O MSE A 183 27.47 -2.49 10.81
CB MSE A 183 29.49 -4.25 12.62
CG MSE A 183 28.68 -3.50 13.61
SE MSE A 183 29.73 -3.22 15.24
CE MSE A 183 31.14 -2.15 14.58
N MSE A 184 29.56 -2.56 9.97
CA MSE A 184 29.49 -1.22 9.36
C MSE A 184 28.57 -1.21 8.14
O MSE A 184 27.90 -0.20 7.90
CB MSE A 184 30.89 -0.69 9.01
CG MSE A 184 31.85 -0.57 10.21
SE MSE A 184 30.99 0.43 11.71
CE MSE A 184 29.71 -0.89 12.34
N HIS A 185 28.55 -2.30 7.36
CA HIS A 185 27.63 -2.38 6.23
C HIS A 185 26.22 -2.25 6.82
N TYR A 186 25.99 -2.99 7.92
CA TYR A 186 24.71 -2.95 8.57
C TYR A 186 24.40 -1.54 9.17
N PHE A 187 25.38 -0.94 9.81
CA PHE A 187 25.15 0.38 10.44
C PHE A 187 24.90 1.43 9.35
N CYS A 188 25.60 1.36 8.24
CA CYS A 188 25.38 2.37 7.19
C CYS A 188 23.92 2.31 6.72
N ALA A 189 23.40 1.10 6.48
CA ALA A 189 21.98 0.95 6.04
C ALA A 189 21.02 1.40 7.15
N LEU A 190 21.35 1.15 8.40
CA LEU A 190 20.52 1.64 9.50
C LEU A 190 20.46 3.20 9.48
N ASN A 191 21.61 3.82 9.21
CA ASN A 191 21.68 5.27 9.15
C ASN A 191 20.85 5.81 7.94
N THR A 192 21.07 5.23 6.78
CA THR A 192 20.32 5.65 5.62
C THR A 192 18.83 5.40 5.88
N LEU A 193 18.44 4.33 6.61
CA LEU A 193 17.01 4.04 6.88
C LEU A 193 16.34 5.27 7.52
N GLN A 194 17.13 6.00 8.32
CA GLN A 194 16.58 7.21 8.95
C GLN A 194 16.05 8.20 7.89
N TYR A 195 16.69 8.29 6.75
CA TYR A 195 16.23 9.16 5.72
C TYR A 195 15.07 8.55 4.94
N LYS A 196 15.25 7.31 4.53
CA LYS A 196 14.22 6.61 3.73
C LYS A 196 12.93 6.59 4.51
N LYS A 197 13.00 6.47 5.83
CA LYS A 197 11.80 6.45 6.63
C LYS A 197 10.95 7.70 6.39
N LYS A 198 11.57 8.87 6.38
CA LYS A 198 10.85 10.09 6.18
C LYS A 198 10.28 10.21 4.76
N ILE A 199 11.07 9.82 3.77
CA ILE A 199 10.70 9.86 2.37
C ILE A 199 9.52 8.93 2.10
N ALA A 200 9.59 7.71 2.66
CA ALA A 200 8.57 6.74 2.45
C ALA A 200 7.25 7.05 3.20
N LEU A 201 7.32 7.97 4.16
CA LEU A 201 6.14 8.41 4.90
C LEU A 201 5.52 9.51 4.11
N LEU A 202 6.31 10.50 3.72
CA LEU A 202 5.76 11.64 3.01
C LEU A 202 5.43 11.42 1.52
N GLU A 203 6.23 10.62 0.83
CA GLU A 203 5.94 10.43 -0.59
C GLU A 203 4.52 9.86 -0.92
N PRO A 204 4.12 8.78 -0.26
CA PRO A 204 2.80 8.19 -0.54
C PRO A 204 1.68 9.05 -0.14
N LEU A 205 1.88 9.84 0.91
CA LEU A 205 0.84 10.77 1.39
C LEU A 205 0.70 11.90 0.35
N LEU A 206 1.82 12.44 -0.12
CA LEU A 206 1.76 13.48 -1.14
C LEU A 206 1.10 12.88 -2.42
N GLY A 207 1.54 11.67 -2.82
CA GLY A 207 0.96 11.02 -3.98
C GLY A 207 -0.55 10.80 -3.84
N TYR A 208 -0.93 10.34 -2.67
CA TYR A 208 -2.34 10.09 -2.40
C TYR A 208 -3.10 11.43 -2.58
N MSE A 209 -2.66 12.47 -1.86
CA MSE A 209 -3.36 13.74 -1.87
C MSE A 209 -3.42 14.37 -3.26
O MSE A 209 -4.50 14.94 -3.62
CB MSE A 209 -2.80 14.76 -0.87
CG MSE A 209 -3.05 14.41 0.53
SE MSE A 209 -5.02 14.21 0.88
CE MSE A 209 -5.59 15.70 0.15
N GLN A 210 -2.34 14.28 -4.03
CA GLN A 210 -2.38 14.86 -5.36
C GLN A 210 -3.40 14.17 -6.28
N ALA A 211 -3.50 12.85 -6.18
CA ALA A 211 -4.41 12.08 -6.98
C ALA A 211 -5.88 12.44 -6.54
N GLN A 212 -6.08 12.63 -5.25
CA GLN A 212 -7.44 12.96 -4.76
C GLN A 212 -7.82 14.33 -5.31
N ILE A 213 -6.89 15.28 -5.35
CA ILE A 213 -7.25 16.60 -5.84
C ILE A 213 -7.70 16.51 -7.30
N SER A 214 -6.98 15.79 -8.13
CA SER A 214 -7.46 15.67 -9.55
C SER A 214 -8.82 14.99 -9.64
N PHE A 215 -8.97 13.88 -8.90
CA PHE A 215 -10.23 13.11 -8.87
C PHE A 215 -11.42 14.00 -8.47
N PHE A 216 -11.35 14.72 -7.32
CA PHE A 216 -12.49 15.55 -6.88
C PHE A 216 -12.74 16.69 -7.84
N LYS A 217 -11.70 17.34 -8.34
CA LYS A 217 -11.87 18.41 -9.33
C LYS A 217 -12.50 17.97 -10.64
N MSE A 218 -11.97 16.92 -11.23
CA MSE A 218 -12.51 16.41 -12.50
C MSE A 218 -13.96 15.93 -12.26
O MSE A 218 -14.87 16.21 -13.06
CB MSE A 218 -11.67 15.25 -12.99
CG MSE A 218 -12.00 14.76 -14.40
SE MSE A 218 -11.69 16.17 -15.74
CE MSE A 218 -9.85 15.80 -16.33
N GLY A 219 -14.16 15.15 -11.20
CA GLY A 219 -15.49 14.63 -10.94
C GLY A 219 -16.50 15.74 -10.72
N SER A 220 -16.14 16.67 -9.86
CA SER A 220 -17.00 17.78 -9.52
C SER A 220 -17.43 18.61 -10.75
N GLU A 221 -16.56 18.72 -11.75
CA GLU A 221 -16.89 19.50 -12.93
C GLU A 221 -17.87 18.68 -13.77
N ASN A 222 -17.69 17.37 -13.86
CA ASN A 222 -18.65 16.59 -14.61
C ASN A 222 -20.07 16.74 -14.00
N LEU A 223 -20.16 16.97 -12.68
CA LEU A 223 -21.43 17.09 -11.99
C LEU A 223 -21.95 18.49 -11.94
N ASN A 224 -22.34 18.98 -13.11
CA ASN A 224 -22.85 20.35 -13.29
C ASN A 224 -24.36 20.59 -13.15
N GLU A 225 -24.74 21.86 -13.33
CA GLU A 225 -26.12 22.31 -13.20
C GLU A 225 -27.10 21.72 -14.26
N GLN A 226 -26.61 21.36 -15.45
CA GLN A 226 -27.45 20.73 -16.46
C GLN A 226 -27.82 19.32 -15.93
N LEU A 227 -26.82 18.64 -15.39
CA LEU A 227 -27.05 17.33 -14.81
C LEU A 227 -28.08 17.45 -13.67
N GLU A 228 -28.00 18.51 -12.89
CA GLU A 228 -28.97 18.66 -11.81
C GLU A 228 -30.38 18.84 -12.38
N GLU A 229 -30.49 19.54 -13.53
CA GLU A 229 -31.80 19.74 -14.19
C GLU A 229 -32.33 18.36 -14.60
N PHE A 230 -31.46 17.53 -15.17
CA PHE A 230 -31.83 16.18 -15.61
C PHE A 230 -32.40 15.43 -14.40
N LEU A 231 -31.68 15.48 -13.26
CA LEU A 231 -32.09 14.71 -12.03
C LEU A 231 -33.42 15.19 -11.47
N ALA A 232 -33.66 16.48 -11.54
CA ALA A 232 -34.89 17.01 -11.02
C ALA A 232 -36.02 16.52 -11.88
N ASN A 233 -35.78 16.42 -13.17
CA ASN A 233 -36.83 15.98 -14.06
C ASN A 233 -37.12 14.47 -13.90
N ILE A 234 -36.09 13.70 -13.57
CA ILE A 234 -36.26 12.25 -13.37
C ILE A 234 -37.01 12.10 -12.10
N GLY A 235 -36.77 12.99 -11.15
CA GLY A 235 -37.48 12.89 -9.88
C GLY A 235 -38.96 13.06 -10.16
N THR A 236 -39.26 14.05 -10.98
CA THR A 236 -40.64 14.31 -11.36
C THR A 236 -41.20 13.12 -12.10
N SER A 237 -40.44 12.52 -13.02
CA SER A 237 -40.89 11.34 -13.77
C SER A 237 -41.29 10.19 -12.85
N VAL A 238 -40.52 10.00 -11.78
CA VAL A 238 -40.75 8.96 -10.77
C VAL A 238 -42.05 9.22 -10.01
N GLN A 239 -42.26 10.47 -9.56
CA GLN A 239 -43.49 10.80 -8.82
C GLN A 239 -44.70 10.60 -9.76
N ASN A 240 -44.53 10.86 -11.05
CA ASN A 240 -45.63 10.69 -11.99
C ASN A 240 -45.97 9.21 -12.15
N VAL A 241 -44.94 8.39 -12.31
CA VAL A 241 -45.16 6.93 -12.41
C VAL A 241 -45.88 6.50 -11.13
N ARG A 242 -45.43 6.94 -9.97
CA ARG A 242 -46.13 6.54 -8.75
C ARG A 242 -47.64 6.90 -8.84
N ARG A 243 -47.95 8.11 -9.29
CA ARG A 243 -49.38 8.49 -9.40
C ARG A 243 -50.18 7.66 -10.40
N GLU A 244 -49.57 7.42 -11.53
CA GLU A 244 -50.25 6.67 -12.56
C GLU A 244 -50.51 5.23 -12.08
N MSE A 245 -49.56 4.68 -11.29
CA MSE A 245 -49.65 3.36 -10.73
C MSE A 245 -50.85 3.24 -9.83
O MSE A 245 -51.63 2.27 -9.97
CB MSE A 245 -48.41 3.03 -9.88
CG MSE A 245 -48.50 1.70 -9.16
SE MSE A 245 -46.80 1.27 -8.23
CE MSE A 245 -47.12 2.02 -6.49
N ASP A 246 -50.96 4.18 -8.88
CA ASP A 246 -52.07 4.17 -7.95
C ASP A 246 -53.41 4.22 -8.73
N SER A 247 -53.45 5.09 -9.75
CA SER A 247 -54.65 5.20 -10.54
C SER A 247 -54.92 3.94 -11.37
N ASP A 248 -53.90 3.37 -12.01
CA ASP A 248 -54.21 2.18 -12.78
C ASP A 248 -54.58 0.97 -11.89
N ILE A 249 -54.09 0.95 -10.64
CA ILE A 249 -54.47 -0.12 -9.71
C ILE A 249 -56.01 -0.09 -9.45
N GLU A 250 -56.60 1.09 -9.31
CA GLU A 250 -58.06 1.16 -9.14
C GLU A 250 -58.84 0.64 -10.41
N THR A 251 -58.31 0.90 -11.60
CA THR A 251 -58.93 0.41 -12.85
C THR A 251 -58.87 -1.12 -12.88
N MSE A 252 -57.68 -1.65 -12.61
CA MSE A 252 -57.43 -3.09 -12.63
C MSE A 252 -58.34 -3.76 -11.59
O MSE A 252 -58.89 -4.85 -11.87
CB MSE A 252 -55.94 -3.33 -12.38
CG MSE A 252 -55.45 -4.76 -12.39
SE MSE A 252 -56.05 -5.67 -14.00
CE MSE A 252 -54.92 -4.64 -15.18
N GLN A 253 -58.56 -3.14 -10.42
CA GLN A 253 -59.43 -3.76 -9.41
C GLN A 253 -60.88 -3.80 -9.95
N GLN A 254 -61.22 -2.76 -10.72
CA GLN A 254 -62.57 -2.71 -11.33
C GLN A 254 -62.64 -3.85 -12.38
N THR A 255 -61.64 -3.91 -13.27
CA THR A 255 -61.53 -4.93 -14.30
C THR A 255 -61.68 -6.37 -13.62
N ILE A 256 -61.00 -6.58 -12.49
CA ILE A 256 -61.07 -7.88 -11.76
C ILE A 256 -62.53 -8.20 -11.38
N GLU A 257 -63.21 -7.26 -10.74
CA GLU A 257 -64.61 -7.44 -10.34
C GLU A 257 -65.49 -7.82 -11.55
N ASP A 258 -65.39 -7.08 -12.67
CA ASP A 258 -66.14 -7.38 -13.92
C ASP A 258 -65.83 -8.81 -14.44
N LEU A 259 -64.55 -9.19 -14.50
CA LEU A 259 -64.19 -10.54 -15.00
C LEU A 259 -64.73 -11.68 -14.12
N GLU A 260 -64.74 -11.46 -12.80
CA GLU A 260 -65.22 -12.43 -11.86
C GLU A 260 -66.62 -12.82 -12.18
#